data_7F6X
#
_entry.id   7F6X
#
_cell.length_a   66.909
_cell.length_b   66.909
_cell.length_c   117.036
_cell.angle_alpha   90.000
_cell.angle_beta   90.000
_cell.angle_gamma   120.000
#
_symmetry.space_group_name_H-M   'P 32 2 1'
#
loop_
_entity.id
_entity.type
_entity.pdbx_description
1 polymer 'Cupin domain-containing protein'
2 non-polymer 1H-INDOLE-3-CARBALDEHYDE
3 non-polymer 'FE (III) ION'
4 non-polymer 'GLYCOLIC ACID'
5 water water
#
_entity_poly.entity_id   1
_entity_poly.type   'polypeptide(L)'
_entity_poly.pdbx_seq_one_letter_code
;MTVQDKAAGSDAEIVTALPVPLAVAGHHQPAPFYLTADMFGGLPVQLAGGELSKLVGKPVAAPHVHEVDELYFLVSPEPG
QARIEVHLDGVRHELVSPAVMRIPAGSEHCFLTLEATVGSYCFGILVGDRL
;
_entity_poly.pdbx_strand_id   A,B
#
loop_
_chem_comp.id
_chem_comp.type
_chem_comp.name
_chem_comp.formula
FE non-polymer 'FE (III) ION' 'Fe 3'
GOA non-polymer 'GLYCOLIC ACID' 'C2 H4 O3'
I3A non-polymer 1H-INDOLE-3-CARBALDEHYDE 'C9 H7 N O'
#
# COMPACT_ATOMS: atom_id res chain seq x y z
N ASP A 11 -21.26 -2.53 7.70
CA ASP A 11 -22.38 -1.84 6.99
C ASP A 11 -21.86 -0.61 6.23
N ALA A 12 -20.59 -0.23 6.45
CA ALA A 12 -19.90 0.74 5.59
C ALA A 12 -19.50 0.01 4.31
N GLU A 13 -18.48 0.47 3.60
CA GLU A 13 -18.23 -0.14 2.31
C GLU A 13 -16.98 -1.01 2.40
N ILE A 14 -17.11 -2.25 1.94
CA ILE A 14 -16.01 -3.20 1.91
C ILE A 14 -15.83 -3.64 0.46
N VAL A 15 -14.60 -3.67 -0.03
CA VAL A 15 -14.31 -4.21 -1.34
C VAL A 15 -13.45 -5.46 -1.13
N THR A 16 -13.87 -6.61 -1.67
CA THR A 16 -13.04 -7.80 -1.57
C THR A 16 -12.89 -8.49 -2.93
N ALA A 17 -13.47 -7.94 -4.01
CA ALA A 17 -13.19 -8.46 -5.34
C ALA A 17 -11.87 -7.84 -5.84
N LEU A 18 -10.74 -8.39 -5.38
CA LEU A 18 -9.46 -7.73 -5.50
C LEU A 18 -8.44 -8.81 -5.80
N PRO A 19 -7.31 -8.49 -6.45
CA PRO A 19 -7.12 -7.17 -7.07
C PRO A 19 -8.01 -6.94 -8.30
N VAL A 20 -8.15 -5.69 -8.74
CA VAL A 20 -8.83 -5.37 -9.98
C VAL A 20 -7.77 -5.29 -11.07
N PRO A 21 -7.77 -6.18 -12.09
CA PRO A 21 -6.76 -6.10 -13.17
C PRO A 21 -7.07 -4.93 -14.09
N LEU A 22 -6.15 -3.99 -14.24
CA LEU A 22 -6.36 -2.95 -15.23
C LEU A 22 -5.14 -2.93 -16.13
N ALA A 23 -5.34 -2.55 -17.40
CA ALA A 23 -4.26 -2.43 -18.34
C ALA A 23 -3.54 -1.14 -18.00
N VAL A 24 -2.20 -1.16 -18.09
CA VAL A 24 -1.42 0.05 -17.87
C VAL A 24 -0.40 0.07 -19.01
N ALA A 25 -0.02 1.24 -19.49
CA ALA A 25 0.85 1.35 -20.67
C ALA A 25 2.16 0.61 -20.44
N GLY A 26 2.54 -0.17 -21.45
CA GLY A 26 3.84 -0.80 -21.49
C GLY A 26 3.86 -2.10 -20.70
N HIS A 27 2.82 -2.35 -19.89
CA HIS A 27 2.83 -3.53 -19.04
C HIS A 27 2.40 -4.72 -19.87
N HIS A 28 3.15 -5.81 -19.68
CA HIS A 28 2.95 -7.09 -20.34
C HIS A 28 1.54 -7.60 -20.02
N GLN A 29 1.22 -7.73 -18.71
CA GLN A 29 -0.06 -8.25 -18.22
C GLN A 29 -0.83 -7.13 -17.51
N PRO A 30 -2.16 -7.26 -17.27
CA PRO A 30 -2.89 -6.25 -16.47
C PRO A 30 -2.22 -6.11 -15.12
N ALA A 31 -2.21 -4.89 -14.55
CA ALA A 31 -1.63 -4.70 -13.23
C ALA A 31 -2.70 -4.93 -12.18
N PRO A 32 -2.33 -5.46 -10.98
CA PRO A 32 -3.32 -5.72 -9.95
C PRO A 32 -3.55 -4.48 -9.10
N PHE A 33 -4.75 -3.87 -9.25
CA PHE A 33 -5.09 -2.68 -8.49
C PHE A 33 -5.89 -3.04 -7.23
N TYR A 34 -5.58 -2.39 -6.11
CA TYR A 34 -6.35 -2.55 -4.87
C TYR A 34 -7.14 -1.29 -4.55
N LEU A 35 -6.72 -0.13 -5.05
CA LEU A 35 -7.58 1.05 -4.97
C LEU A 35 -7.71 1.61 -6.38
N THR A 36 -8.93 1.84 -6.84
CA THR A 36 -9.10 2.50 -8.14
C THR A 36 -9.94 3.76 -7.93
N ALA A 37 -9.84 4.68 -8.91
CA ALA A 37 -10.34 6.05 -8.82
C ALA A 37 -11.86 6.14 -8.58
N ASP A 38 -12.61 5.13 -9.00
CA ASP A 38 -14.07 5.18 -8.87
C ASP A 38 -14.55 4.47 -7.59
N MET A 39 -13.67 3.88 -6.78
CA MET A 39 -14.16 3.22 -5.58
C MET A 39 -14.74 4.23 -4.59
N PHE A 40 -15.78 3.81 -3.86
CA PHE A 40 -16.32 4.59 -2.73
C PHE A 40 -16.76 5.98 -3.16
N GLY A 41 -17.28 6.15 -4.38
CA GLY A 41 -17.63 7.53 -4.70
C GLY A 41 -16.48 8.40 -5.19
N GLY A 42 -15.28 7.82 -5.36
CA GLY A 42 -14.21 8.53 -6.05
C GLY A 42 -13.03 8.74 -5.12
N LEU A 43 -11.83 8.37 -5.59
CA LEU A 43 -10.65 8.49 -4.76
C LEU A 43 -9.63 9.36 -5.47
N PRO A 44 -8.80 10.13 -4.74
CA PRO A 44 -7.78 10.96 -5.39
C PRO A 44 -6.51 10.17 -5.75
N VAL A 45 -6.52 8.83 -5.54
CA VAL A 45 -5.37 8.02 -5.91
C VAL A 45 -5.84 6.68 -6.47
N GLN A 46 -4.90 6.00 -7.12
CA GLN A 46 -5.06 4.61 -7.50
C GLN A 46 -3.83 3.90 -6.98
N LEU A 47 -4.01 2.66 -6.59
CA LEU A 47 -2.92 1.94 -5.94
C LEU A 47 -2.89 0.53 -6.51
N ALA A 48 -1.75 0.17 -7.06
CA ALA A 48 -1.57 -1.12 -7.67
C ALA A 48 -0.28 -1.69 -7.09
N GLY A 49 -0.15 -3.00 -7.16
CA GLY A 49 1.16 -3.60 -7.12
C GLY A 49 1.06 -4.93 -6.42
N GLY A 50 2.14 -5.31 -5.75
CA GLY A 50 2.04 -6.55 -5.01
C GLY A 50 3.39 -7.12 -4.64
N GLU A 51 3.34 -8.44 -4.38
CA GLU A 51 4.37 -9.15 -3.65
C GLU A 51 5.51 -9.43 -4.62
N LEU A 52 6.75 -9.18 -4.19
CA LEU A 52 7.83 -9.20 -5.17
C LEU A 52 8.60 -10.53 -5.25
N SER A 53 8.32 -11.50 -4.41
CA SER A 53 9.31 -12.55 -4.21
C SER A 53 9.41 -13.45 -5.43
N LYS A 54 8.44 -13.39 -6.34
CA LYS A 54 8.53 -14.17 -7.55
C LYS A 54 8.75 -13.25 -8.76
N LEU A 55 9.09 -11.97 -8.52
CA LEU A 55 9.32 -11.05 -9.62
C LEU A 55 10.82 -10.77 -9.80
N VAL A 56 11.64 -11.40 -8.97
CA VAL A 56 13.06 -11.15 -8.98
C VAL A 56 13.58 -11.45 -10.38
N GLY A 57 14.20 -10.46 -11.01
CA GLY A 57 14.74 -10.59 -12.34
C GLY A 57 13.72 -10.39 -13.46
N LYS A 58 12.46 -10.12 -13.13
CA LYS A 58 11.47 -10.16 -14.20
C LYS A 58 10.68 -8.85 -14.28
N PRO A 59 10.93 -7.97 -15.26
CA PRO A 59 10.21 -6.69 -15.29
C PRO A 59 8.73 -6.86 -15.65
N VAL A 60 7.87 -6.06 -15.00
CA VAL A 60 6.44 -6.15 -15.28
C VAL A 60 6.11 -5.35 -16.55
N ALA A 61 7.04 -4.45 -16.96
CA ALA A 61 6.68 -3.45 -17.97
C ALA A 61 7.91 -2.98 -18.72
N ALA A 62 7.70 -2.64 -20.02
CA ALA A 62 8.55 -1.74 -20.77
C ALA A 62 8.46 -0.33 -20.18
N PRO A 63 9.47 0.56 -20.44
CA PRO A 63 9.47 1.92 -19.86
C PRO A 63 8.22 2.66 -20.33
N HIS A 64 7.62 3.48 -19.46
CA HIS A 64 6.33 4.03 -19.81
C HIS A 64 6.24 5.42 -19.20
N VAL A 65 5.21 6.14 -19.63
CA VAL A 65 5.07 7.53 -19.23
C VAL A 65 3.62 7.71 -18.85
N HIS A 66 3.35 8.39 -17.73
CA HIS A 66 1.98 8.75 -17.40
C HIS A 66 1.87 10.27 -17.38
N GLU A 67 0.61 10.76 -17.48
CA GLU A 67 0.29 12.16 -17.28
C GLU A 67 -0.04 12.46 -15.82
N VAL A 68 0.12 11.47 -14.94
CA VAL A 68 0.06 11.79 -13.53
C VAL A 68 1.33 11.34 -12.83
N ASP A 69 1.57 11.95 -11.68
CA ASP A 69 2.60 11.52 -10.75
C ASP A 69 2.30 10.11 -10.22
N GLU A 70 3.36 9.33 -10.11
CA GLU A 70 3.34 8.01 -9.52
C GLU A 70 4.37 7.92 -8.39
N LEU A 71 3.95 7.40 -7.21
CA LEU A 71 4.88 7.02 -6.15
C LEU A 71 5.11 5.51 -6.18
N TYR A 72 6.38 5.09 -6.13
CA TYR A 72 6.69 3.73 -5.77
C TYR A 72 6.88 3.66 -4.27
N PHE A 73 6.18 2.70 -3.66
CA PHE A 73 6.31 2.45 -2.23
C PHE A 73 6.84 1.01 -2.06
N LEU A 74 8.05 0.88 -1.53
CA LEU A 74 8.74 -0.39 -1.38
C LEU A 74 8.88 -0.69 0.12
N VAL A 75 8.39 -1.88 0.54
CA VAL A 75 8.31 -2.22 1.95
C VAL A 75 8.56 -3.73 2.08
N SER A 76 9.12 -4.16 3.21
CA SER A 76 9.37 -5.57 3.50
C SER A 76 9.30 -5.78 5.01
N PRO A 77 9.08 -7.02 5.50
CA PRO A 77 8.97 -7.24 6.94
C PRO A 77 10.12 -6.62 7.71
N GLU A 78 11.37 -6.71 7.21
CA GLU A 78 12.49 -6.02 7.85
C GLU A 78 13.17 -5.10 6.84
N PRO A 79 13.74 -3.96 7.28
CA PRO A 79 14.50 -3.07 6.40
C PRO A 79 15.58 -3.83 5.62
N GLY A 80 15.68 -3.57 4.33
CA GLY A 80 16.79 -4.10 3.58
C GLY A 80 16.46 -5.42 2.92
N GLN A 81 15.26 -6.01 3.17
CA GLN A 81 14.99 -7.30 2.56
C GLN A 81 14.47 -7.18 1.12
N ALA A 82 14.17 -5.97 0.64
CA ALA A 82 13.77 -5.81 -0.76
C ALA A 82 14.54 -4.69 -1.43
N ARG A 83 14.90 -4.91 -2.69
CA ARG A 83 15.60 -3.89 -3.45
C ARG A 83 15.05 -3.87 -4.88
N ILE A 84 14.81 -2.66 -5.41
CA ILE A 84 14.43 -2.56 -6.80
C ILE A 84 15.32 -1.50 -7.45
N GLU A 85 15.40 -1.58 -8.78
CA GLU A 85 16.11 -0.59 -9.56
C GLU A 85 15.06 0.17 -10.36
N VAL A 86 14.99 1.48 -10.17
CA VAL A 86 14.09 2.30 -10.95
C VAL A 86 14.89 3.02 -12.04
N HIS A 87 14.45 2.86 -13.29
CA HIS A 87 14.94 3.63 -14.44
C HIS A 87 14.05 4.87 -14.58
N LEU A 88 14.69 6.03 -14.51
CA LEU A 88 13.95 7.27 -14.58
C LEU A 88 14.63 8.12 -15.65
N ASP A 89 14.03 8.17 -16.85
CA ASP A 89 14.61 8.88 -17.98
C ASP A 89 16.07 8.49 -18.20
N GLY A 90 16.33 7.19 -18.36
CA GLY A 90 17.67 6.70 -18.66
C GLY A 90 18.65 6.64 -17.48
N VAL A 91 18.27 7.09 -16.27
CA VAL A 91 19.13 6.96 -15.10
C VAL A 91 18.59 5.86 -14.19
N ARG A 92 19.47 5.06 -13.60
CA ARG A 92 19.10 3.94 -12.75
C ARG A 92 19.23 4.32 -11.28
N HIS A 93 18.18 4.06 -10.48
CA HIS A 93 18.24 4.34 -9.06
C HIS A 93 17.91 3.06 -8.31
N GLU A 94 18.68 2.74 -7.28
CA GLU A 94 18.40 1.58 -6.46
C GLU A 94 17.58 2.00 -5.25
N LEU A 95 16.45 1.34 -4.98
CA LEU A 95 15.73 1.63 -3.75
C LEU A 95 15.89 0.44 -2.83
N VAL A 96 16.07 0.69 -1.52
CA VAL A 96 16.18 -0.36 -0.50
C VAL A 96 15.02 -0.20 0.47
N SER A 97 14.26 -1.27 0.73
CA SER A 97 13.12 -1.11 1.61
C SER A 97 13.58 -0.61 2.98
N PRO A 98 12.86 0.29 3.67
CA PRO A 98 11.67 0.93 3.09
C PRO A 98 12.02 2.22 2.35
N ALA A 99 11.26 2.53 1.28
CA ALA A 99 11.55 3.70 0.48
C ALA A 99 10.28 4.15 -0.26
N VAL A 100 10.17 5.48 -0.46
CA VAL A 100 9.15 6.04 -1.34
C VAL A 100 9.86 6.90 -2.38
N MET A 101 9.59 6.65 -3.66
CA MET A 101 10.17 7.46 -4.70
C MET A 101 9.05 8.10 -5.53
N ARG A 102 9.15 9.41 -5.79
CA ARG A 102 8.18 10.11 -6.62
C ARG A 102 8.63 10.08 -8.08
N ILE A 103 7.72 9.68 -8.99
CA ILE A 103 8.00 9.72 -10.41
C ILE A 103 7.12 10.81 -11.02
N PRO A 104 7.72 11.94 -11.44
CA PRO A 104 6.92 13.05 -11.97
C PRO A 104 6.22 12.67 -13.28
N ALA A 105 4.99 13.17 -13.45
CA ALA A 105 4.23 12.98 -14.68
C ALA A 105 5.11 13.38 -15.87
N GLY A 106 5.13 12.54 -16.91
CA GLY A 106 5.90 12.84 -18.11
C GLY A 106 7.25 12.14 -18.10
N SER A 107 7.73 11.66 -16.93
CA SER A 107 8.98 10.91 -16.93
C SER A 107 8.77 9.48 -17.39
N GLU A 108 9.68 9.05 -18.24
CA GLU A 108 9.75 7.67 -18.69
C GLU A 108 10.41 6.82 -17.60
N HIS A 109 9.77 5.70 -17.27
CA HIS A 109 10.26 4.91 -16.15
C HIS A 109 9.73 3.47 -16.18
N CYS A 110 10.38 2.66 -15.34
CA CYS A 110 9.94 1.32 -15.00
C CYS A 110 10.87 0.84 -13.88
N PHE A 111 10.58 -0.35 -13.31
CA PHE A 111 11.49 -0.93 -12.31
C PHE A 111 11.76 -2.41 -12.60
N LEU A 112 12.89 -2.88 -12.05
CA LEU A 112 13.32 -4.26 -12.06
C LEU A 112 13.55 -4.69 -10.61
N THR A 113 12.93 -5.81 -10.21
CA THR A 113 13.19 -6.32 -8.86
C THR A 113 14.58 -6.94 -8.81
N LEU A 114 15.41 -6.50 -7.85
CA LEU A 114 16.79 -7.00 -7.66
C LEU A 114 16.79 -8.05 -6.57
N GLU A 115 15.97 -7.85 -5.53
CA GLU A 115 16.02 -8.75 -4.39
C GLU A 115 14.70 -8.62 -3.65
N ALA A 116 14.19 -9.71 -3.10
CA ALA A 116 12.91 -9.67 -2.39
C ALA A 116 12.73 -10.98 -1.61
N THR A 117 12.42 -10.88 -0.31
CA THR A 117 11.93 -12.03 0.45
C THR A 117 10.41 -12.15 0.32
N VAL A 118 9.87 -13.25 0.85
CA VAL A 118 8.42 -13.45 0.90
C VAL A 118 7.82 -12.33 1.75
N GLY A 119 6.78 -11.65 1.23
CA GLY A 119 6.23 -10.50 1.93
C GLY A 119 6.93 -9.16 1.67
N SER A 120 7.77 -9.09 0.61
CA SER A 120 8.25 -7.81 0.08
C SER A 120 7.21 -7.30 -0.91
N TYR A 121 6.87 -6.01 -0.87
CA TYR A 121 5.94 -5.45 -1.85
C TYR A 121 6.48 -4.16 -2.47
N CYS A 122 6.07 -3.92 -3.71
CA CYS A 122 6.14 -2.60 -4.30
C CYS A 122 4.72 -2.21 -4.73
N PHE A 123 4.28 -1.07 -4.22
CA PHE A 123 3.03 -0.48 -4.63
C PHE A 123 3.33 0.77 -5.44
N GLY A 124 2.63 0.86 -6.60
CA GLY A 124 2.58 2.05 -7.44
C GLY A 124 1.32 2.86 -7.07
N ILE A 125 1.52 4.13 -6.72
CA ILE A 125 0.41 4.99 -6.32
C ILE A 125 0.30 6.12 -7.34
N LEU A 126 -0.77 6.09 -8.14
CA LEU A 126 -1.03 7.14 -9.10
C LEU A 126 -1.74 8.27 -8.36
N VAL A 127 -1.15 9.48 -8.36
CA VAL A 127 -1.73 10.56 -7.59
C VAL A 127 -2.44 11.51 -8.53
N GLY A 128 -3.75 11.70 -8.32
CA GLY A 128 -4.50 12.67 -9.10
C GLY A 128 -4.02 14.08 -8.75
N ALA B 12 16.17 13.22 -8.42
CA ALA B 12 15.22 12.11 -8.08
C ALA B 12 14.76 12.26 -6.63
N GLU B 13 13.43 12.22 -6.38
CA GLU B 13 12.97 12.42 -5.01
C GLU B 13 12.63 11.09 -4.34
N ILE B 14 13.52 10.71 -3.43
CA ILE B 14 13.44 9.46 -2.72
C ILE B 14 13.41 9.74 -1.23
N VAL B 15 12.37 9.28 -0.53
CA VAL B 15 12.39 9.34 0.93
C VAL B 15 12.77 7.97 1.51
N THR B 16 13.75 7.91 2.41
CA THR B 16 14.20 6.65 2.98
C THR B 16 14.12 6.65 4.50
N ALA B 17 13.87 7.82 5.11
CA ALA B 17 13.84 7.85 6.56
C ALA B 17 12.44 7.49 7.05
N LEU B 18 12.12 6.19 7.06
CA LEU B 18 10.75 5.71 7.13
C LEU B 18 10.69 4.49 8.05
N PRO B 19 9.55 4.19 8.73
CA PRO B 19 8.39 5.09 8.77
C PRO B 19 8.61 6.26 9.71
N VAL B 20 7.75 7.28 9.64
CA VAL B 20 7.76 8.33 10.64
C VAL B 20 6.65 8.11 11.68
N PRO B 21 6.98 8.05 12.99
CA PRO B 21 5.95 7.99 14.04
C PRO B 21 5.09 9.25 14.12
N LEU B 22 3.76 9.09 14.16
CA LEU B 22 2.84 10.21 14.32
C LEU B 22 1.72 9.76 15.25
N ALA B 23 1.15 10.68 16.06
CA ALA B 23 0.54 10.31 17.34
C ALA B 23 -0.94 9.97 17.20
N PRO B 30 1.06 6.06 18.71
CA PRO B 30 2.08 6.67 17.82
C PRO B 30 2.43 5.83 16.56
N ALA B 31 1.62 5.97 15.50
CA ALA B 31 1.53 5.04 14.36
C ALA B 31 2.66 5.24 13.34
N PRO B 32 3.10 4.18 12.59
CA PRO B 32 4.22 4.29 11.65
C PRO B 32 3.73 4.71 10.26
N PHE B 33 4.11 5.92 9.81
CA PHE B 33 3.68 6.48 8.55
C PHE B 33 4.75 6.26 7.49
N TYR B 34 4.30 5.82 6.31
CA TYR B 34 5.18 5.74 5.16
C TYR B 34 4.82 6.85 4.17
N LEU B 35 3.56 7.32 4.14
CA LEU B 35 3.29 8.55 3.38
C LEU B 35 2.63 9.54 4.32
N THR B 36 3.15 10.78 4.31
CA THR B 36 2.55 11.86 5.09
C THR B 36 2.16 12.96 4.11
N ALA B 37 1.19 13.78 4.53
CA ALA B 37 0.51 14.75 3.67
C ALA B 37 1.50 15.80 3.15
N ASP B 38 2.58 16.04 3.88
CA ASP B 38 3.58 17.01 3.45
C ASP B 38 4.65 16.45 2.51
N MET B 39 4.65 15.15 2.15
CA MET B 39 5.79 14.69 1.35
C MET B 39 5.66 15.20 -0.08
N PHE B 40 6.81 15.45 -0.72
CA PHE B 40 6.89 15.76 -2.14
C PHE B 40 6.07 17.00 -2.53
N GLY B 41 5.92 17.97 -1.63
CA GLY B 41 5.11 19.10 -2.05
C GLY B 41 3.63 19.01 -1.67
N GLY B 42 3.22 17.91 -1.03
CA GLY B 42 1.85 17.74 -0.56
C GLY B 42 1.17 16.52 -1.19
N LEU B 43 0.53 15.68 -0.36
CA LEU B 43 -0.15 14.50 -0.88
C LEU B 43 -1.61 14.53 -0.46
N PRO B 44 -2.54 13.99 -1.25
CA PRO B 44 -3.93 13.93 -0.84
C PRO B 44 -4.24 12.73 0.06
N VAL B 45 -3.21 11.95 0.46
CA VAL B 45 -3.45 10.81 1.34
C VAL B 45 -2.33 10.76 2.38
N GLN B 46 -2.60 10.11 3.51
CA GLN B 46 -1.48 9.68 4.33
C GLN B 46 -1.64 8.18 4.52
N LEU B 47 -0.53 7.47 4.72
CA LEU B 47 -0.55 6.02 4.72
C LEU B 47 0.31 5.50 5.88
N ALA B 48 -0.35 4.77 6.77
CA ALA B 48 0.34 4.16 7.89
C ALA B 48 0.07 2.67 7.85
N GLY B 49 0.99 1.92 8.42
CA GLY B 49 0.57 0.62 8.89
C GLY B 49 1.78 -0.26 9.07
N GLY B 50 1.61 -1.55 8.82
CA GLY B 50 2.69 -2.39 9.29
C GLY B 50 2.39 -3.87 9.12
N GLU B 51 3.46 -4.63 9.41
CA GLU B 51 3.48 -6.05 9.23
C GLU B 51 2.63 -6.65 10.35
N LEU B 52 1.80 -7.64 10.02
CA LEU B 52 0.77 -8.12 10.93
C LEU B 52 1.21 -9.32 11.78
N SER B 53 2.17 -10.12 11.30
CA SER B 53 2.52 -11.34 12.02
C SER B 53 2.93 -11.02 13.46
N LYS B 54 3.54 -9.86 13.69
CA LYS B 54 3.93 -9.48 15.04
C LYS B 54 2.71 -9.04 15.87
N LEU B 55 1.55 -8.78 15.22
CA LEU B 55 0.39 -8.26 15.94
C LEU B 55 -0.62 -9.36 16.25
N VAL B 56 -0.42 -10.57 15.78
CA VAL B 56 -1.41 -11.63 16.02
C VAL B 56 -1.57 -11.82 17.53
N GLY B 57 -0.53 -11.44 18.27
CA GLY B 57 -0.41 -11.58 19.72
C GLY B 57 -1.12 -10.51 20.58
N LYS B 58 -1.39 -9.32 20.05
CA LYS B 58 -2.10 -8.27 20.80
C LYS B 58 -3.54 -8.73 21.15
N PRO B 59 -3.95 -8.82 22.44
CA PRO B 59 -5.35 -9.16 22.81
C PRO B 59 -6.41 -8.04 22.72
N VAL B 60 -5.97 -6.76 22.61
CA VAL B 60 -6.89 -5.63 22.67
C VAL B 60 -6.51 -4.60 21.62
N ALA B 61 -7.48 -3.77 21.24
CA ALA B 61 -7.19 -2.60 20.44
C ALA B 61 -8.08 -1.45 20.92
N ALA B 62 -7.60 -0.20 20.70
CA ALA B 62 -8.25 1.00 21.22
C ALA B 62 -9.08 1.68 20.13
N PRO B 63 -10.42 1.82 20.28
CA PRO B 63 -11.25 2.53 19.30
C PRO B 63 -10.77 3.97 19.15
N HIS B 64 -10.89 4.54 17.94
CA HIS B 64 -10.54 5.94 17.75
C HIS B 64 -11.30 6.52 16.56
N VAL B 65 -11.18 7.84 16.37
CA VAL B 65 -11.93 8.45 15.27
C VAL B 65 -11.04 9.45 14.55
N HIS B 66 -11.23 9.57 13.23
CA HIS B 66 -10.48 10.54 12.45
C HIS B 66 -11.48 11.57 11.92
N GLU B 67 -10.96 12.72 11.47
CA GLU B 67 -11.82 13.73 10.88
C GLU B 67 -11.83 13.62 9.35
N VAL B 68 -11.10 12.65 8.81
CA VAL B 68 -11.20 12.26 7.40
C VAL B 68 -11.50 10.76 7.34
N ASP B 69 -12.04 10.32 6.20
CA ASP B 69 -12.16 8.91 5.89
C ASP B 69 -10.80 8.21 5.98
N GLU B 70 -10.86 6.97 6.45
CA GLU B 70 -9.73 6.04 6.43
C GLU B 70 -10.13 4.79 5.64
N LEU B 71 -9.22 4.33 4.77
CA LEU B 71 -9.37 3.04 4.10
C LEU B 71 -8.41 2.07 4.79
N TYR B 72 -8.96 0.94 5.24
CA TYR B 72 -8.11 -0.18 5.63
C TYR B 72 -7.79 -0.98 4.41
N PHE B 73 -6.51 -1.34 4.26
CA PHE B 73 -6.10 -2.17 3.15
C PHE B 73 -5.32 -3.36 3.70
N LEU B 74 -5.93 -4.55 3.63
CA LEU B 74 -5.37 -5.79 4.16
C LEU B 74 -4.84 -6.64 3.00
N VAL B 75 -3.56 -7.03 3.09
CA VAL B 75 -2.97 -7.80 2.00
C VAL B 75 -2.02 -8.86 2.58
N SER B 76 -1.84 -9.98 1.89
CA SER B 76 -0.89 -11.01 2.28
C SER B 76 -0.31 -11.64 1.01
N PRO B 77 0.86 -12.31 1.13
CA PRO B 77 1.54 -12.87 -0.05
C PRO B 77 0.60 -13.78 -0.83
N GLU B 78 -0.24 -14.58 -0.15
CA GLU B 78 -1.28 -15.27 -0.89
C GLU B 78 -2.62 -14.89 -0.29
N PRO B 79 -3.69 -14.90 -1.11
CA PRO B 79 -5.01 -14.53 -0.64
C PRO B 79 -5.36 -15.46 0.50
N GLY B 80 -5.96 -14.91 1.55
CA GLY B 80 -6.55 -15.73 2.57
C GLY B 80 -5.61 -15.92 3.76
N GLN B 81 -4.35 -15.49 3.67
CA GLN B 81 -3.39 -15.76 4.73
C GLN B 81 -3.46 -14.74 5.88
N ALA B 82 -4.27 -13.68 5.76
CA ALA B 82 -4.39 -12.80 6.91
C ALA B 82 -5.87 -12.51 7.18
N ARG B 83 -6.19 -12.30 8.46
CA ARG B 83 -7.58 -12.19 8.87
C ARG B 83 -7.62 -11.17 10.00
N ILE B 84 -8.50 -10.18 9.89
CA ILE B 84 -8.61 -9.18 10.95
C ILE B 84 -10.07 -9.10 11.34
N GLU B 85 -10.34 -8.52 12.52
CA GLU B 85 -11.69 -8.07 12.88
C GLU B 85 -11.68 -6.56 12.94
N VAL B 86 -12.63 -5.92 12.27
CA VAL B 86 -12.74 -4.48 12.32
C VAL B 86 -13.98 -4.17 13.14
N HIS B 87 -13.77 -3.43 14.22
CA HIS B 87 -14.87 -3.03 15.10
C HIS B 87 -15.29 -1.64 14.68
N LEU B 88 -16.47 -1.51 14.07
CA LEU B 88 -16.90 -0.23 13.55
C LEU B 88 -18.25 0.09 14.21
N ASP B 89 -18.27 1.15 15.03
CA ASP B 89 -19.50 1.65 15.63
C ASP B 89 -20.32 0.50 16.22
N GLY B 90 -19.69 -0.29 17.11
CA GLY B 90 -20.34 -1.45 17.73
C GLY B 90 -20.73 -2.61 16.81
N VAL B 91 -20.21 -2.68 15.56
CA VAL B 91 -20.36 -3.86 14.74
C VAL B 91 -18.99 -4.46 14.39
N ARG B 92 -18.85 -5.75 14.70
CA ARG B 92 -17.69 -6.57 14.46
C ARG B 92 -17.74 -7.10 13.02
N HIS B 93 -16.68 -6.85 12.23
CA HIS B 93 -16.58 -7.33 10.86
C HIS B 93 -15.35 -8.21 10.78
N GLU B 94 -15.44 -9.31 10.04
CA GLU B 94 -14.26 -10.14 9.95
C GLU B 94 -13.82 -10.19 8.49
N LEU B 95 -12.58 -9.75 8.22
CA LEU B 95 -12.16 -9.61 6.83
C LEU B 95 -10.96 -10.51 6.58
N VAL B 96 -10.91 -11.07 5.38
CA VAL B 96 -9.82 -11.93 4.95
C VAL B 96 -9.10 -11.26 3.78
N SER B 97 -7.75 -11.31 3.77
CA SER B 97 -6.98 -10.71 2.68
C SER B 97 -7.29 -11.34 1.32
N PRO B 98 -7.29 -10.59 0.20
CA PRO B 98 -7.17 -9.12 0.24
C PRO B 98 -8.50 -8.41 0.47
N ALA B 99 -8.47 -7.22 1.12
CA ALA B 99 -9.72 -6.53 1.43
C ALA B 99 -9.42 -5.05 1.64
N VAL B 100 -10.38 -4.21 1.23
CA VAL B 100 -10.30 -2.78 1.46
C VAL B 100 -11.60 -2.39 2.15
N MET B 101 -11.52 -1.56 3.19
CA MET B 101 -12.75 -1.16 3.87
C MET B 101 -12.66 0.32 4.20
N ARG B 102 -13.73 1.06 3.85
CA ARG B 102 -13.82 2.49 4.10
C ARG B 102 -14.39 2.74 5.49
N ILE B 103 -13.68 3.52 6.30
CA ILE B 103 -14.17 3.98 7.59
C ILE B 103 -14.50 5.46 7.44
N PRO B 104 -15.81 5.84 7.45
CA PRO B 104 -16.22 7.24 7.28
C PRO B 104 -15.69 8.10 8.42
N ALA B 105 -15.34 9.36 8.12
CA ALA B 105 -14.84 10.29 9.13
C ALA B 105 -15.88 10.37 10.25
N GLY B 106 -15.43 10.48 11.49
CA GLY B 106 -16.43 10.54 12.55
C GLY B 106 -16.69 9.18 13.18
N SER B 107 -16.46 8.07 12.44
CA SER B 107 -16.78 6.72 12.90
C SER B 107 -15.75 6.21 13.90
N GLU B 108 -16.25 5.61 14.97
CA GLU B 108 -15.37 4.99 15.96
C GLU B 108 -14.97 3.60 15.47
N HIS B 109 -13.68 3.28 15.54
CA HIS B 109 -13.21 2.06 14.89
C HIS B 109 -11.84 1.69 15.42
N CYS B 110 -11.47 0.40 15.22
CA CYS B 110 -10.12 -0.14 15.30
C CYS B 110 -10.14 -1.53 14.70
N PHE B 111 -8.99 -2.22 14.67
CA PHE B 111 -9.04 -3.59 14.20
C PHE B 111 -8.16 -4.43 15.12
N LEU B 112 -8.42 -5.75 15.13
CA LEU B 112 -7.53 -6.71 15.76
C LEU B 112 -7.11 -7.69 14.70
N THR B 113 -5.88 -8.22 14.83
CA THR B 113 -5.39 -9.22 13.92
C THR B 113 -5.69 -10.60 14.50
N LEU B 114 -6.40 -11.45 13.74
CA LEU B 114 -6.74 -12.80 14.19
C LEU B 114 -5.68 -13.77 13.68
N GLU B 115 -5.29 -13.63 12.42
CA GLU B 115 -4.36 -14.56 11.78
CA GLU B 115 -4.31 -14.53 11.82
C GLU B 115 -3.49 -13.75 10.82
N ALA B 116 -2.20 -14.15 10.65
CA ALA B 116 -1.31 -13.51 9.69
C ALA B 116 -0.06 -14.36 9.46
N THR B 117 0.29 -14.64 8.20
CA THR B 117 1.63 -15.09 7.86
C THR B 117 2.60 -13.90 7.85
N VAL B 118 3.91 -14.23 7.93
CA VAL B 118 4.97 -13.23 7.79
C VAL B 118 4.79 -12.52 6.46
N GLY B 119 4.79 -11.17 6.49
CA GLY B 119 4.63 -10.40 5.26
C GLY B 119 3.17 -10.12 4.87
N SER B 120 2.22 -10.32 5.80
CA SER B 120 0.87 -9.76 5.75
C SER B 120 0.88 -8.33 6.27
N TYR B 121 0.08 -7.42 5.67
CA TYR B 121 0.11 -6.04 6.10
C TYR B 121 -1.32 -5.53 6.25
N CYS B 122 -1.52 -4.64 7.20
CA CYS B 122 -2.70 -3.80 7.12
C CYS B 122 -2.26 -2.35 7.08
N PHE B 123 -2.71 -1.62 6.07
CA PHE B 123 -2.35 -0.22 5.96
C PHE B 123 -3.59 0.60 6.22
N GLY B 124 -3.41 1.74 6.91
CA GLY B 124 -4.52 2.66 7.08
C GLY B 124 -4.27 3.86 6.19
N ILE B 125 -5.17 4.11 5.23
CA ILE B 125 -4.97 5.24 4.32
C ILE B 125 -5.99 6.34 4.62
N LEU B 126 -5.49 7.48 5.12
CA LEU B 126 -6.34 8.63 5.40
C LEU B 126 -6.52 9.40 4.10
N VAL B 127 -7.78 9.66 3.74
CA VAL B 127 -8.08 10.26 2.44
C VAL B 127 -8.54 11.71 2.64
N GLY B 128 -7.75 12.65 2.08
CA GLY B 128 -7.78 14.06 2.42
C GLY B 128 -9.08 14.75 1.99
O I3A C . 3.30 -0.76 -10.08
C3' I3A C . 3.38 -1.80 -10.72
C3 I3A C . 3.48 -3.12 -10.17
C2 I3A C . 4.03 -3.41 -8.93
N I3A C . 3.99 -4.73 -8.69
C8 I3A C . 3.38 -5.38 -9.76
C9 I3A C . 3.06 -4.39 -10.72
C4 I3A C . 2.45 -4.79 -11.92
C5 I3A C . 2.18 -6.14 -12.13
C6 I3A C . 2.52 -7.10 -11.16
C7 I3A C . 3.09 -6.74 -9.96
FE FE D . 4.07 3.93 -14.06
C GOA E . -6.21 2.23 12.65
CA GOA E . -5.29 3.33 12.12
O GOA E . -7.44 2.37 12.47
OXT GOA E . -5.69 1.25 13.25
O2 GOA E . -6.06 4.51 11.98
FE FE F . -8.14 4.56 12.25
#